data_1ZSL
#
_entry.id   1ZSL
#
_cell.length_a   122.385
_cell.length_b   122.385
_cell.length_c   122.385
_cell.angle_alpha   90.00
_cell.angle_beta   90.00
_cell.angle_gamma   90.00
#
_symmetry.space_group_name_H-M   'I 2 3'
#
loop_
_entity.id
_entity.type
_entity.pdbx_description
1 polymer 'Coagulation factor XI'
2 non-polymer 2-(2-(3,4-DICHLOROPHENYL)-5-(ISOPROPYLAMINO)-6-OXOPYRIMIDIN-1(6H)-YL)-N-((S)-1-OXO-1-(THIAZOL-2-YL)-5-GUANIDINOPENTAN-2-YL)ACETAMIDE
3 water water
#
_entity_poly.entity_id   1
_entity_poly.type   'polypeptide(L)'
_entity_poly.pdbx_seq_one_letter_code
;IVGGTASVRGEWPWQVTLHTTSPTQRHLCGGSIIGNQWILTAAHCFYGVESPKILRVYSGILNQSEIAEDTSFFGVQEII
IHDQYKMAESGYDIALLKLETTVNYTDSQRPISLPSKGDRNVIYTDCWVTGWGYRKLRDKIQNTLQKAKIPLVTNEECQK
RYRGHKITHKMICAGYREGGKDACKGDSGGPLSCKHNEVWHLVGITSWGEGCAQRERPGVYTNVVEYVDWILEKTQAV
;
_entity_poly.pdbx_strand_id   A
#
loop_
_chem_comp.id
_chem_comp.type
_chem_comp.name
_chem_comp.formula
624 non-polymer 2-(2-(3,4-DICHLOROPHENYL)-5-(ISOPROPYLAMINO)-6-OXOPYRIMIDIN-1(6H)-YL)-N-((S)-1-OXO-1-(THIAZOL-2-YL)-5-GUANIDINOPENTAN-2-YL)ACETAMIDE 'C24 H28 Cl2 N8 O3 S'
#
# COMPACT_ATOMS: atom_id res chain seq x y z
N ILE A 1 6.39 3.61 -8.57
CA ILE A 1 7.61 3.81 -7.74
C ILE A 1 8.67 4.60 -8.52
N VAL A 2 9.14 5.71 -7.96
CA VAL A 2 10.17 6.51 -8.61
C VAL A 2 11.55 6.14 -8.06
N GLY A 3 12.52 5.99 -8.97
CA GLY A 3 13.87 5.67 -8.59
C GLY A 3 14.05 4.27 -8.02
N GLY A 4 13.15 3.36 -8.35
CA GLY A 4 13.26 2.01 -7.84
C GLY A 4 13.80 1.04 -8.88
N THR A 5 13.71 -0.25 -8.59
CA THR A 5 14.16 -1.27 -9.54
C THR A 5 13.17 -2.40 -9.62
N ALA A 6 13.33 -3.24 -10.63
CA ALA A 6 12.45 -4.38 -10.82
C ALA A 6 12.60 -5.36 -9.67
N SER A 7 11.48 -5.87 -9.17
CA SER A 7 11.51 -6.84 -8.08
C SER A 7 11.78 -8.23 -8.61
N VAL A 8 12.14 -9.13 -7.71
CA VAL A 8 12.36 -10.52 -8.06
C VAL A 8 11.01 -11.18 -7.81
N ARG A 9 10.60 -12.06 -8.71
CA ARG A 9 9.32 -12.73 -8.55
C ARG A 9 9.17 -13.35 -7.17
N GLY A 10 8.01 -13.13 -6.55
CA GLY A 10 7.76 -13.69 -5.23
C GLY A 10 8.47 -13.00 -4.09
N GLU A 11 9.23 -11.97 -4.40
CA GLU A 11 9.97 -11.21 -3.39
C GLU A 11 9.04 -10.48 -2.41
N TRP A 12 7.88 -10.06 -2.89
CA TRP A 12 6.92 -9.35 -2.04
C TRP A 12 5.58 -10.08 -2.16
N PRO A 13 5.53 -11.36 -1.73
CA PRO A 13 4.34 -12.22 -1.77
C PRO A 13 3.02 -11.70 -1.17
N TRP A 14 3.08 -10.64 -0.37
CA TRP A 14 1.85 -10.08 0.19
C TRP A 14 1.27 -8.97 -0.70
N GLN A 15 2.09 -8.50 -1.65
CA GLN A 15 1.68 -7.45 -2.57
C GLN A 15 0.67 -7.90 -3.63
N VAL A 16 -0.47 -7.22 -3.69
CA VAL A 16 -1.47 -7.55 -4.69
C VAL A 16 -1.73 -6.32 -5.54
N THR A 17 -2.25 -6.56 -6.75
CA THR A 17 -2.61 -5.49 -7.65
C THR A 17 -4.14 -5.49 -7.67
N LEU A 18 -4.74 -4.35 -7.34
CA LEU A 18 -6.19 -4.23 -7.35
C LEU A 18 -6.62 -3.60 -8.66
N HIS A 19 -7.44 -4.33 -9.42
CA HIS A 19 -7.94 -3.88 -10.72
C HIS A 19 -9.42 -3.53 -10.66
N THR A 20 -9.82 -2.64 -11.58
CA THR A 20 -11.21 -2.26 -11.73
C THR A 20 -11.51 -2.72 -13.15
N THR A 21 -12.74 -3.18 -13.39
CA THR A 21 -13.12 -3.65 -14.71
C THR A 21 -13.86 -2.56 -15.50
N SER A 22 -14.11 -1.43 -14.84
CA SER A 22 -14.83 -0.31 -15.44
C SER A 22 -13.96 0.91 -15.78
N PRO A 23 -14.04 1.42 -17.02
CA PRO A 23 -14.86 0.94 -18.15
C PRO A 23 -14.25 -0.29 -18.78
N THR A 24 -12.92 -0.35 -18.79
CA THR A 24 -12.21 -1.54 -19.25
C THR A 24 -11.24 -1.82 -18.11
N GLN A 25 -10.79 -3.06 -17.99
CA GLN A 25 -9.91 -3.41 -16.89
C GLN A 25 -8.57 -2.69 -16.86
N ARG A 26 -8.17 -2.25 -15.66
CA ARG A 26 -6.89 -1.57 -15.46
C ARG A 26 -6.50 -1.59 -13.98
N HIS A 27 -5.20 -1.51 -13.73
CA HIS A 27 -4.71 -1.47 -12.35
C HIS A 27 -5.25 -0.21 -11.69
N LEU A 28 -5.69 -0.33 -10.45
CA LEU A 28 -6.23 0.79 -9.70
C LEU A 28 -5.35 1.18 -8.52
N CYS A 29 -4.99 0.18 -7.72
CA CYS A 29 -4.18 0.42 -6.55
C CYS A 29 -3.42 -0.80 -6.09
N GLY A 30 -2.53 -0.58 -5.14
CA GLY A 30 -1.78 -1.67 -4.56
C GLY A 30 -2.54 -2.09 -3.32
N GLY A 31 -2.11 -3.19 -2.70
CA GLY A 31 -2.77 -3.68 -1.50
C GLY A 31 -1.90 -4.76 -0.85
N SER A 32 -2.23 -5.13 0.38
CA SER A 32 -1.45 -6.15 1.09
C SER A 32 -2.29 -7.26 1.72
N ILE A 33 -1.91 -8.52 1.43
CA ILE A 33 -2.57 -9.67 2.02
C ILE A 33 -2.18 -9.68 3.49
N ILE A 34 -3.18 -9.64 4.36
CA ILE A 34 -2.91 -9.70 5.80
C ILE A 34 -3.69 -10.87 6.41
N GLY A 35 -4.53 -11.51 5.59
CA GLY A 35 -5.39 -12.61 6.02
C GLY A 35 -5.74 -13.46 4.84
N ASN A 36 -6.22 -14.67 5.08
CA ASN A 36 -6.54 -15.57 3.97
C ASN A 36 -7.68 -15.01 3.11
N GLN A 37 -8.42 -14.03 3.61
CA GLN A 37 -9.47 -13.42 2.80
C GLN A 37 -9.56 -11.92 3.11
N TRP A 38 -8.41 -11.33 3.48
CA TRP A 38 -8.36 -9.91 3.79
C TRP A 38 -7.17 -9.18 3.13
N ILE A 39 -7.50 -8.12 2.40
CA ILE A 39 -6.51 -7.29 1.75
C ILE A 39 -6.57 -5.93 2.45
N LEU A 40 -5.42 -5.45 2.90
CA LEU A 40 -5.38 -4.15 3.56
C LEU A 40 -4.91 -3.16 2.49
N THR A 41 -5.61 -2.05 2.36
CA THR A 41 -5.24 -1.08 1.33
C THR A 41 -5.59 0.36 1.74
N ALA A 42 -5.68 1.27 0.78
CA ALA A 42 -6.01 2.66 1.12
C ALA A 42 -7.46 3.02 0.76
N ALA A 43 -8.13 3.69 1.68
CA ALA A 43 -9.51 4.11 1.49
C ALA A 43 -9.69 5.00 0.26
N HIS A 44 -8.79 5.95 0.06
CA HIS A 44 -8.94 6.85 -1.07
C HIS A 44 -8.93 6.16 -2.43
N CYS A 45 -8.50 4.90 -2.46
CA CYS A 45 -8.48 4.16 -3.72
C CYS A 45 -9.89 3.92 -4.26
N PHE A 46 -10.89 4.10 -3.42
CA PHE A 46 -12.27 3.83 -3.83
C PHE A 46 -13.15 5.01 -4.21
N TYR A 47 -12.53 6.16 -4.44
CA TYR A 47 -13.26 7.34 -4.87
C TYR A 47 -14.02 7.00 -6.17
N GLY A 48 -15.35 7.15 -6.14
CA GLY A 48 -16.14 6.85 -7.32
C GLY A 48 -16.60 5.39 -7.38
N VAL A 49 -15.86 4.51 -6.73
CA VAL A 49 -16.23 3.10 -6.71
C VAL A 49 -17.55 2.94 -5.98
N GLU A 50 -18.57 2.51 -6.71
CA GLU A 50 -19.91 2.35 -6.14
C GLU A 50 -20.18 0.92 -5.69
N SER A 51 -19.50 -0.05 -6.31
CA SER A 51 -19.73 -1.43 -5.93
C SER A 51 -18.46 -2.26 -5.97
N PRO A 52 -18.37 -3.27 -5.10
CA PRO A 52 -17.20 -4.16 -5.04
C PRO A 52 -17.23 -5.06 -6.28
N LYS A 53 -18.37 -5.07 -6.95
CA LYS A 53 -18.55 -5.90 -8.13
C LYS A 53 -17.58 -5.61 -9.26
N ILE A 54 -17.08 -4.38 -9.34
CA ILE A 54 -16.14 -4.05 -10.42
C ILE A 54 -14.68 -4.25 -10.03
N LEU A 55 -14.44 -4.78 -8.83
CA LEU A 55 -13.06 -5.00 -8.36
C LEU A 55 -12.57 -6.43 -8.60
N ARG A 56 -11.26 -6.55 -8.83
CA ARG A 56 -10.60 -7.83 -9.04
C ARG A 56 -9.23 -7.77 -8.38
N VAL A 57 -8.97 -8.68 -7.45
CA VAL A 57 -7.67 -8.69 -6.77
C VAL A 57 -6.80 -9.82 -7.34
N TYR A 58 -5.61 -9.46 -7.79
CA TYR A 58 -4.68 -10.45 -8.32
C TYR A 58 -3.47 -10.58 -7.40
N SER A 59 -3.19 -11.81 -6.97
CA SER A 59 -2.07 -12.07 -6.07
C SER A 59 -0.99 -12.83 -6.84
N GLY A 60 0.20 -12.90 -6.28
CA GLY A 60 1.28 -13.61 -6.94
C GLY A 60 1.68 -13.05 -8.29
N ILE A 61 1.45 -11.76 -8.49
CA ILE A 61 1.78 -11.10 -9.75
C ILE A 61 3.12 -10.37 -9.65
N LEU A 62 3.91 -10.43 -10.73
CA LEU A 62 5.18 -9.73 -10.81
C LEU A 62 5.00 -8.73 -11.94
N ASN A 63 4.52 -9.25 -13.08
CA ASN A 63 4.28 -8.45 -14.26
C ASN A 63 2.79 -8.36 -14.55
N GLN A 64 2.33 -7.16 -14.87
CA GLN A 64 0.92 -6.94 -15.17
C GLN A 64 0.53 -7.76 -16.39
N SER A 65 1.48 -8.00 -17.29
CA SER A 65 1.20 -8.76 -18.51
C SER A 65 0.78 -10.20 -18.18
N GLU A 66 1.01 -10.62 -16.94
CA GLU A 66 0.60 -11.96 -16.55
C GLU A 66 -0.92 -11.96 -16.51
N ILE A 67 -1.48 -10.79 -16.26
CA ILE A 67 -2.93 -10.64 -16.15
C ILE A 67 -3.66 -10.55 -17.48
N ALA A 68 -4.41 -11.60 -17.79
CA ALA A 68 -5.19 -11.65 -19.02
C ALA A 68 -6.61 -12.04 -18.65
N GLU A 69 -7.46 -12.19 -19.66
CA GLU A 69 -8.85 -12.56 -19.44
C GLU A 69 -8.99 -13.94 -18.76
N ASP A 70 -8.02 -14.81 -18.96
CA ASP A 70 -8.04 -16.16 -18.38
C ASP A 70 -7.24 -16.31 -17.08
N THR A 71 -6.81 -15.19 -16.51
CA THR A 71 -6.04 -15.22 -15.27
C THR A 71 -6.99 -15.23 -14.08
N SER A 72 -6.75 -16.13 -13.12
CA SER A 72 -7.63 -16.20 -11.96
C SER A 72 -7.41 -14.99 -11.06
N PHE A 73 -8.46 -14.60 -10.36
CA PHE A 73 -8.43 -13.45 -9.48
C PHE A 73 -9.41 -13.69 -8.35
N PHE A 74 -9.31 -12.86 -7.30
CA PHE A 74 -10.21 -12.96 -6.18
C PHE A 74 -11.22 -11.83 -6.29
N GLY A 75 -12.50 -12.19 -6.16
CA GLY A 75 -13.54 -11.18 -6.22
C GLY A 75 -13.60 -10.51 -4.86
N VAL A 76 -14.18 -9.30 -4.82
CA VAL A 76 -14.30 -8.58 -3.56
C VAL A 76 -15.75 -8.66 -3.08
N GLN A 77 -15.94 -9.16 -1.87
CA GLN A 77 -17.28 -9.29 -1.31
C GLN A 77 -17.70 -8.02 -0.60
N GLU A 78 -16.75 -7.36 0.07
CA GLU A 78 -17.07 -6.16 0.81
C GLU A 78 -15.90 -5.20 0.89
N ILE A 79 -16.20 -3.91 0.82
CA ILE A 79 -15.20 -2.87 0.93
C ILE A 79 -15.46 -2.23 2.27
N ILE A 80 -14.45 -2.23 3.14
CA ILE A 80 -14.64 -1.63 4.43
C ILE A 80 -13.74 -0.42 4.57
N ILE A 81 -14.34 0.75 4.58
CA ILE A 81 -13.59 1.98 4.71
C ILE A 81 -13.76 2.54 6.13
N HIS A 82 -12.66 3.03 6.70
CA HIS A 82 -12.68 3.60 8.02
C HIS A 82 -13.74 4.73 8.03
N ASP A 83 -14.70 4.62 8.93
CA ASP A 83 -15.77 5.62 9.00
C ASP A 83 -15.25 7.03 9.30
N GLN A 84 -13.99 7.16 9.69
CA GLN A 84 -13.44 8.48 10.00
C GLN A 84 -12.66 9.07 8.83
N TYR A 85 -12.61 8.32 7.73
CA TYR A 85 -11.88 8.79 6.54
C TYR A 85 -12.68 9.85 5.77
N LYS A 86 -11.99 10.88 5.29
CA LYS A 86 -12.64 11.94 4.50
C LYS A 86 -11.80 12.17 3.25
N MET A 87 -10.48 12.32 3.45
CA MET A 87 -9.59 12.44 2.30
C MET A 87 -8.21 11.94 2.72
N ALA A 88 -7.38 11.58 1.76
CA ALA A 88 -6.04 11.08 2.06
C ALA A 88 -5.19 11.95 2.98
N GLU A 89 -5.09 13.24 2.66
CA GLU A 89 -4.28 14.17 3.43
C GLU A 89 -4.74 14.38 4.87
N SER A 90 -6.00 14.05 5.16
CA SER A 90 -6.53 14.22 6.51
C SER A 90 -6.28 13.00 7.38
N GLY A 91 -6.00 11.86 6.78
CA GLY A 91 -5.74 10.69 7.58
C GLY A 91 -6.78 9.61 7.46
N TYR A 92 -6.67 8.59 8.31
CA TYR A 92 -7.60 7.46 8.29
C TYR A 92 -7.73 6.91 6.87
N ASP A 93 -6.65 6.97 6.09
CA ASP A 93 -6.67 6.46 4.74
C ASP A 93 -6.36 4.96 4.84
N ILE A 94 -7.36 4.21 5.26
CA ILE A 94 -7.20 2.77 5.41
C ILE A 94 -8.50 2.06 5.07
N ALA A 95 -8.37 0.88 4.47
CA ALA A 95 -9.54 0.12 4.09
C ALA A 95 -9.24 -1.38 4.03
N LEU A 96 -10.27 -2.18 4.24
CA LEU A 96 -10.16 -3.63 4.20
C LEU A 96 -11.02 -4.17 3.07
N LEU A 97 -10.48 -5.15 2.35
CA LEU A 97 -11.21 -5.79 1.28
C LEU A 97 -11.46 -7.24 1.67
N LYS A 98 -12.72 -7.58 1.87
CA LYS A 98 -13.06 -8.95 2.21
C LYS A 98 -13.27 -9.66 0.89
N LEU A 99 -12.41 -10.63 0.60
CA LEU A 99 -12.47 -11.39 -0.64
C LEU A 99 -13.63 -12.38 -0.65
N GLU A 100 -14.12 -12.71 -1.84
CA GLU A 100 -15.24 -13.65 -1.99
C GLU A 100 -14.80 -15.09 -1.75
N THR A 101 -13.50 -15.33 -1.81
CA THR A 101 -12.94 -16.65 -1.58
C THR A 101 -11.63 -16.48 -0.81
N THR A 102 -11.15 -17.57 -0.22
CA THR A 102 -9.93 -17.53 0.56
C THR A 102 -8.67 -17.77 -0.26
N VAL A 103 -7.61 -17.04 0.08
CA VAL A 103 -6.34 -17.18 -0.61
C VAL A 103 -5.58 -18.42 -0.12
N ASN A 104 -5.11 -19.25 -1.04
CA ASN A 104 -4.34 -20.43 -0.67
C ASN A 104 -2.89 -19.98 -0.61
N TYR A 105 -2.35 -19.83 0.60
CA TYR A 105 -0.98 -19.36 0.80
C TYR A 105 0.06 -20.21 0.08
N THR A 106 1.06 -19.54 -0.48
CA THR A 106 2.16 -20.19 -1.18
C THR A 106 3.37 -19.27 -1.29
N ASP A 107 4.41 -19.73 -1.96
CA ASP A 107 5.62 -18.92 -2.13
C ASP A 107 5.36 -17.65 -2.95
N SER A 108 4.29 -17.64 -3.73
CA SER A 108 3.97 -16.46 -4.53
C SER A 108 2.98 -15.54 -3.81
N GLN A 109 2.23 -16.11 -2.87
CA GLN A 109 1.24 -15.34 -2.14
C GLN A 109 1.12 -15.79 -0.68
N ARG A 110 1.46 -14.89 0.24
CA ARG A 110 1.38 -15.17 1.66
C ARG A 110 1.14 -13.83 2.36
N PRO A 111 0.62 -13.88 3.59
CA PRO A 111 0.34 -12.65 4.32
C PRO A 111 1.52 -12.00 5.04
N ILE A 112 1.49 -10.67 5.11
CA ILE A 112 2.54 -9.95 5.81
C ILE A 112 2.06 -9.69 7.24
N SER A 113 2.97 -9.82 8.18
CA SER A 113 2.66 -9.61 9.58
C SER A 113 2.35 -8.15 9.91
N LEU A 114 1.33 -7.93 10.73
CA LEU A 114 0.98 -6.57 11.13
C LEU A 114 1.89 -6.15 12.27
N PRO A 115 2.22 -4.85 12.35
CA PRO A 115 3.09 -4.38 13.43
C PRO A 115 2.41 -4.53 14.77
N SER A 116 3.22 -4.78 15.78
CA SER A 116 2.74 -4.95 17.14
C SER A 116 2.82 -3.62 17.90
N LYS A 117 1.84 -3.33 18.76
CA LYS A 117 1.86 -2.09 19.54
C LYS A 117 3.18 -1.90 20.27
N GLY A 118 3.73 -3.01 20.75
CA GLY A 118 5.01 -2.93 21.44
C GLY A 118 6.11 -2.61 20.45
N ASP A 119 5.75 -2.56 19.17
CA ASP A 119 6.74 -2.30 18.12
C ASP A 119 6.71 -0.82 17.69
N ARG A 120 6.17 0.02 18.57
CA ARG A 120 6.08 1.43 18.29
C ARG A 120 7.37 2.18 18.62
N ASN A 121 8.27 1.52 19.35
CA ASN A 121 9.54 2.13 19.71
C ASN A 121 10.68 1.60 18.85
N VAL A 122 10.37 0.62 18.02
CA VAL A 122 11.37 0.03 17.15
C VAL A 122 11.74 0.97 16.03
N ILE A 123 13.03 1.02 15.71
CA ILE A 123 13.50 1.86 14.62
C ILE A 123 13.69 0.93 13.43
N TYR A 124 12.84 1.06 12.42
CA TYR A 124 12.95 0.22 11.25
C TYR A 124 13.95 0.93 10.35
N THR A 125 15.02 0.22 10.01
CA THR A 125 16.08 0.77 9.19
C THR A 125 16.15 0.10 7.83
N ASP A 126 15.22 -0.82 7.59
CA ASP A 126 15.19 -1.53 6.32
C ASP A 126 13.78 -1.58 5.76
N CYS A 127 13.32 -0.43 5.29
CA CYS A 127 11.98 -0.30 4.73
C CYS A 127 11.97 -0.10 3.22
N TRP A 128 10.97 -0.73 2.59
CA TRP A 128 10.79 -0.66 1.16
C TRP A 128 9.36 -0.35 0.77
N VAL A 129 9.20 0.42 -0.30
CA VAL A 129 7.88 0.73 -0.82
C VAL A 129 7.84 0.03 -2.18
N THR A 130 6.71 -0.57 -2.50
CA THR A 130 6.60 -1.31 -3.75
C THR A 130 5.31 -1.02 -4.49
N GLY A 131 5.34 -1.20 -5.80
CA GLY A 131 4.16 -0.96 -6.59
C GLY A 131 4.38 -0.92 -8.08
N TRP A 132 3.27 -0.83 -8.81
CA TRP A 132 3.29 -0.75 -10.26
C TRP A 132 3.00 0.71 -10.64
N GLY A 133 3.16 1.59 -9.65
CA GLY A 133 2.90 3.02 -9.85
C GLY A 133 3.81 3.73 -10.83
N TYR A 134 3.56 5.01 -11.04
CA TYR A 134 4.30 5.88 -11.92
C TYR A 134 5.76 6.00 -11.50
N ARG A 135 6.61 6.06 -12.51
CA ARG A 135 8.02 6.30 -12.29
C ARG A 135 8.29 7.81 -12.44
N LYS A 136 7.41 8.46 -13.19
CA LYS A 136 7.48 9.90 -13.41
C LYS A 136 6.10 10.46 -13.13
N LEU A 137 6.08 11.71 -12.69
CA LEU A 137 4.83 12.40 -12.38
C LEU A 137 3.73 12.17 -13.42
N ARG A 138 4.12 12.27 -14.68
CA ARG A 138 3.16 12.09 -15.74
C ARG A 138 3.61 10.91 -16.58
N ASP A 139 3.40 9.70 -16.06
CA ASP A 139 3.80 8.50 -16.78
C ASP A 139 2.60 7.55 -16.98
N LYS A 140 2.77 6.32 -16.52
CA LYS A 140 1.74 5.31 -16.63
C LYS A 140 2.09 4.10 -15.77
N ILE A 141 1.13 3.19 -15.61
CA ILE A 141 1.36 2.01 -14.80
C ILE A 141 2.51 1.17 -15.37
N GLN A 142 3.37 0.67 -14.48
CA GLN A 142 4.52 -0.13 -14.92
C GLN A 142 4.20 -1.62 -14.95
N ASN A 143 4.73 -2.31 -15.95
CA ASN A 143 4.49 -3.74 -16.11
C ASN A 143 5.05 -4.54 -14.94
N THR A 144 6.34 -4.34 -14.66
CA THR A 144 7.04 -5.05 -13.60
C THR A 144 7.00 -4.38 -12.23
N LEU A 145 6.62 -5.13 -11.20
CA LEU A 145 6.56 -4.61 -9.84
C LEU A 145 7.88 -3.97 -9.40
N GLN A 146 7.83 -2.69 -9.06
CA GLN A 146 9.03 -1.97 -8.64
C GLN A 146 9.24 -1.94 -7.15
N LYS A 147 10.46 -1.69 -6.73
CA LYS A 147 10.78 -1.62 -5.31
C LYS A 147 11.80 -0.51 -5.11
N ALA A 148 11.80 0.08 -3.92
CA ALA A 148 12.73 1.14 -3.57
C ALA A 148 12.91 1.16 -2.06
N LYS A 149 14.16 1.21 -1.62
CA LYS A 149 14.44 1.27 -0.21
C LYS A 149 14.33 2.76 0.14
N ILE A 150 13.64 3.06 1.25
CA ILE A 150 13.44 4.45 1.65
C ILE A 150 13.44 4.59 3.16
N PRO A 151 14.30 5.47 3.68
CA PRO A 151 14.36 5.66 5.13
C PRO A 151 13.16 6.42 5.68
N LEU A 152 12.75 6.02 6.88
CA LEU A 152 11.64 6.66 7.57
C LEU A 152 12.16 8.00 8.10
N VAL A 153 11.27 8.96 8.31
CA VAL A 153 11.64 10.26 8.87
C VAL A 153 10.68 10.47 10.03
N THR A 154 11.13 11.17 11.07
CA THR A 154 10.27 11.43 12.22
C THR A 154 9.11 12.29 11.77
N ASN A 155 8.00 12.19 12.49
CA ASN A 155 6.82 12.98 12.17
C ASN A 155 7.08 14.48 12.31
N GLU A 156 7.98 14.83 13.23
CA GLU A 156 8.34 16.23 13.48
C GLU A 156 8.97 16.82 12.22
N GLU A 157 9.83 16.01 11.61
CA GLU A 157 10.52 16.38 10.41
C GLU A 157 9.56 16.43 9.23
N CYS A 158 8.72 15.40 9.14
CA CYS A 158 7.73 15.33 8.07
C CYS A 158 6.88 16.59 8.12
N GLN A 159 6.49 16.96 9.33
CA GLN A 159 5.65 18.13 9.52
C GLN A 159 6.31 19.37 8.91
N LYS A 160 7.61 19.51 9.10
CA LYS A 160 8.33 20.64 8.53
C LYS A 160 8.22 20.68 7.01
N ARG A 161 8.24 19.50 6.38
CA ARG A 161 8.15 19.43 4.93
C ARG A 161 6.73 19.69 4.42
N TYR A 162 5.76 19.60 5.31
CA TYR A 162 4.37 19.82 4.95
C TYR A 162 3.70 20.81 5.91
N ARG A 163 4.13 22.06 5.89
CA ARG A 163 3.56 23.05 6.81
C ARG A 163 2.11 23.40 6.51
N GLY A 164 1.63 23.01 5.34
CA GLY A 164 0.25 23.28 5.02
C GLY A 164 -0.67 22.16 5.50
N HIS A 165 -0.08 21.06 5.95
CA HIS A 165 -0.85 19.92 6.46
C HIS A 165 -0.58 19.64 7.93
N LYS A 166 -1.41 18.78 8.50
CA LYS A 166 -1.23 18.34 9.87
C LYS A 166 -0.77 16.89 9.83
N ILE A 167 0.49 16.64 10.15
CA ILE A 167 0.98 15.27 10.13
C ILE A 167 0.70 14.68 11.52
N THR A 168 -0.26 13.76 11.59
CA THR A 168 -0.61 13.17 12.88
C THR A 168 0.18 11.90 13.18
N HIS A 169 0.02 11.39 14.41
CA HIS A 169 0.71 10.17 14.81
C HIS A 169 0.14 8.94 14.13
N LYS A 170 -0.96 9.11 13.40
CA LYS A 170 -1.57 8.00 12.68
C LYS A 170 -1.02 7.98 11.27
N MET A 171 0.00 8.81 11.04
CA MET A 171 0.68 8.89 9.75
C MET A 171 2.15 8.66 10.00
N ILE A 172 2.84 8.17 8.98
CA ILE A 172 4.28 7.93 9.08
C ILE A 172 4.83 8.33 7.71
N CYS A 173 6.00 8.97 7.70
CA CYS A 173 6.60 9.42 6.44
C CYS A 173 7.92 8.77 6.13
N ALA A 174 8.27 8.77 4.85
CA ALA A 174 9.51 8.16 4.41
C ALA A 174 9.99 8.85 3.16
N GLY A 175 11.29 9.08 3.10
CA GLY A 175 11.87 9.74 1.94
C GLY A 175 13.29 10.20 2.17
N TYR A 176 13.92 10.66 1.10
CA TYR A 176 15.28 11.16 1.16
C TYR A 176 15.21 12.68 1.13
N ARG A 177 16.06 13.32 1.92
CA ARG A 177 16.13 14.79 1.98
C ARG A 177 16.21 15.32 0.55
N GLU A 178 17.01 14.67 -0.27
CA GLU A 178 17.15 15.12 -1.65
C GLU A 178 16.18 14.42 -2.61
N GLY A 179 15.21 13.68 -2.05
CA GLY A 179 14.26 12.99 -2.90
C GLY A 179 14.92 11.96 -3.78
N GLY A 180 14.32 11.66 -4.93
CA GLY A 180 14.90 10.67 -5.84
C GLY A 180 14.22 9.30 -5.84
N LYS A 181 13.76 8.87 -4.67
CA LYS A 181 13.08 7.59 -4.51
C LYS A 181 11.79 7.82 -3.71
N ASP A 182 10.67 7.38 -4.26
CA ASP A 182 9.39 7.60 -3.59
C ASP A 182 8.28 6.83 -4.31
N ALA A 183 7.12 6.73 -3.66
CA ALA A 183 5.98 6.06 -4.27
C ALA A 183 5.39 7.14 -5.18
N CYS A 184 4.58 6.73 -6.15
CA CYS A 184 3.93 7.71 -7.02
C CYS A 184 2.57 7.16 -7.45
N LYS A 185 1.88 7.88 -8.33
CA LYS A 185 0.55 7.48 -8.79
C LYS A 185 0.43 6.02 -9.23
N GLY A 186 -0.41 5.28 -8.52
CA GLY A 186 -0.59 3.87 -8.85
C GLY A 186 -0.06 2.97 -7.75
N ASP A 187 0.78 3.53 -6.88
CA ASP A 187 1.32 2.73 -5.79
C ASP A 187 0.43 2.77 -4.57
N SER A 188 -0.54 3.67 -4.58
CA SER A 188 -1.48 3.83 -3.47
C SER A 188 -2.10 2.51 -2.98
N GLY A 189 -2.25 2.41 -1.66
CA GLY A 189 -2.84 1.21 -1.09
C GLY A 189 -1.80 0.13 -0.87
N GLY A 190 -0.68 0.25 -1.57
CA GLY A 190 0.40 -0.71 -1.44
C GLY A 190 1.09 -0.65 -0.08
N PRO A 191 1.96 -1.63 0.23
CA PRO A 191 2.66 -1.65 1.51
C PRO A 191 3.97 -0.89 1.57
N LEU A 192 4.32 -0.51 2.80
CA LEU A 192 5.59 0.11 3.11
C LEU A 192 6.07 -1.00 4.04
N SER A 193 6.87 -1.92 3.50
CA SER A 193 7.34 -3.07 4.26
C SER A 193 8.71 -2.87 4.89
N CYS A 194 8.80 -3.09 6.19
CA CYS A 194 10.05 -2.95 6.91
C CYS A 194 10.45 -4.28 7.54
N LYS A 195 11.68 -4.70 7.26
CA LYS A 195 12.19 -5.95 7.78
C LYS A 195 12.86 -5.70 9.12
N HIS A 196 12.33 -6.33 10.16
CA HIS A 196 12.91 -6.18 11.48
C HIS A 196 13.04 -7.53 12.14
N ASN A 197 14.27 -7.88 12.49
CA ASN A 197 14.53 -9.17 13.12
C ASN A 197 14.17 -10.31 12.19
N GLU A 198 14.58 -10.19 10.93
CA GLU A 198 14.33 -11.24 9.96
C GLU A 198 12.85 -11.47 9.65
N VAL A 199 12.01 -10.50 9.98
CA VAL A 199 10.59 -10.63 9.71
C VAL A 199 10.09 -9.33 9.08
N TRP A 200 9.30 -9.48 8.02
CA TRP A 200 8.75 -8.31 7.34
C TRP A 200 7.47 -7.85 8.04
N HIS A 201 7.39 -6.55 8.30
CA HIS A 201 6.22 -5.99 8.95
C HIS A 201 5.60 -4.91 8.07
N LEU A 202 4.27 -4.94 7.99
CA LEU A 202 3.53 -3.95 7.23
C LEU A 202 3.51 -2.69 8.11
N VAL A 203 4.47 -1.80 7.90
CA VAL A 203 4.55 -0.59 8.71
C VAL A 203 3.64 0.53 8.23
N GLY A 204 3.50 0.66 6.92
CA GLY A 204 2.64 1.70 6.41
C GLY A 204 1.91 1.34 5.14
N ILE A 205 0.95 2.19 4.78
CA ILE A 205 0.16 2.02 3.58
C ILE A 205 0.39 3.29 2.74
N THR A 206 0.80 3.11 1.50
CA THR A 206 1.06 4.24 0.62
C THR A 206 -0.22 5.07 0.53
N SER A 207 -0.11 6.33 0.96
CA SER A 207 -1.26 7.22 0.99
C SER A 207 -1.18 8.45 0.08
N TRP A 208 -0.30 9.38 0.41
CA TRP A 208 -0.20 10.60 -0.39
C TRP A 208 1.15 11.33 -0.28
N GLY A 209 1.21 12.48 -0.95
CA GLY A 209 2.41 13.31 -0.95
C GLY A 209 2.31 14.38 -2.02
N GLU A 210 3.13 15.42 -1.94
CA GLU A 210 3.09 16.46 -2.96
C GLU A 210 4.03 16.08 -4.09
N GLY A 211 3.48 15.78 -5.26
CA GLY A 211 4.31 15.36 -6.37
C GLY A 211 4.91 14.01 -6.04
N CYS A 212 6.02 13.66 -6.68
CA CYS A 212 6.66 12.37 -6.43
C CYS A 212 8.17 12.44 -6.38
N ALA A 213 8.75 11.90 -5.31
CA ALA A 213 10.20 11.84 -5.15
C ALA A 213 10.85 13.23 -5.14
N GLN A 214 10.04 14.25 -4.88
CA GLN A 214 10.58 15.61 -4.83
C GLN A 214 11.47 15.77 -3.61
N ARG A 215 12.42 16.68 -3.72
CA ARG A 215 13.33 17.01 -2.63
C ARG A 215 12.54 17.62 -1.46
N GLU A 216 12.92 17.25 -0.23
CA GLU A 216 12.27 17.75 0.98
C GLU A 216 10.75 17.56 0.98
N ARG A 217 10.30 16.43 0.42
CA ARG A 217 8.86 16.12 0.34
C ARG A 217 8.67 14.62 0.48
N PRO A 218 8.77 14.10 1.73
CA PRO A 218 8.63 12.67 2.01
C PRO A 218 7.28 12.14 1.58
N GLY A 219 7.19 10.83 1.35
CA GLY A 219 5.91 10.26 1.00
C GLY A 219 5.21 10.10 2.34
N VAL A 220 3.90 10.26 2.34
CA VAL A 220 3.16 10.11 3.57
C VAL A 220 2.39 8.79 3.53
N TYR A 221 2.51 8.02 4.61
CA TYR A 221 1.86 6.71 4.70
C TYR A 221 0.97 6.59 5.94
N THR A 222 -0.04 5.72 5.84
CA THR A 222 -0.91 5.48 6.97
C THR A 222 -0.06 4.70 7.95
N ASN A 223 -0.12 5.06 9.23
CA ASN A 223 0.68 4.38 10.24
C ASN A 223 -0.10 3.17 10.76
N VAL A 224 0.07 2.04 10.07
CA VAL A 224 -0.62 0.79 10.39
C VAL A 224 -0.73 0.39 11.86
N VAL A 225 0.36 0.47 12.62
CA VAL A 225 0.29 0.07 14.01
C VAL A 225 -0.84 0.77 14.77
N GLU A 226 -1.24 1.95 14.32
CA GLU A 226 -2.32 2.69 14.98
C GLU A 226 -3.69 2.10 14.66
N TYR A 227 -3.74 1.16 13.72
CA TYR A 227 -5.03 0.59 13.36
C TYR A 227 -5.19 -0.89 13.63
N VAL A 228 -4.28 -1.47 14.41
CA VAL A 228 -4.41 -2.90 14.70
C VAL A 228 -5.73 -3.24 15.39
N ASP A 229 -6.19 -2.42 16.34
CA ASP A 229 -7.48 -2.70 16.95
C ASP A 229 -8.62 -2.55 15.95
N TRP A 230 -8.53 -1.54 15.08
CA TRP A 230 -9.56 -1.36 14.07
C TRP A 230 -9.58 -2.60 13.17
N ILE A 231 -8.39 -3.04 12.77
CA ILE A 231 -8.28 -4.20 11.91
C ILE A 231 -8.86 -5.44 12.56
N LEU A 232 -8.55 -5.65 13.84
CA LEU A 232 -9.10 -6.82 14.54
C LEU A 232 -10.62 -6.70 14.56
N GLU A 233 -11.10 -5.53 14.97
CA GLU A 233 -12.54 -5.27 15.04
C GLU A 233 -13.26 -5.57 13.73
N LYS A 234 -12.82 -4.96 12.64
CA LYS A 234 -13.47 -5.17 11.34
C LYS A 234 -13.30 -6.56 10.73
N THR A 235 -12.24 -7.28 11.09
CA THR A 235 -12.03 -8.60 10.52
C THR A 235 -12.62 -9.73 11.37
N GLN A 236 -12.87 -9.44 12.65
CA GLN A 236 -13.44 -10.44 13.56
C GLN A 236 -14.93 -10.61 13.26
N ALA A 237 -15.28 -11.76 12.66
CA ALA A 237 -16.66 -12.07 12.31
C ALA A 237 -17.61 -11.95 13.51
CX 624 B . -1.87 6.57 -5.28
CY 624 B . -1.12 7.87 -5.13
CZ 624 B . -3.26 6.70 -5.97
OX 624 B . -0.98 5.73 -6.10
N02 624 B . -1.98 8.67 -4.24
C06 624 B . 0.27 7.67 -4.44
C07 624 B . 1.03 8.98 -4.33
C08 624 B . 1.90 9.07 -3.11
N09 624 B . 2.93 10.05 -3.43
C10 624 B . 4.15 10.23 -2.91
N11 624 B . 4.64 9.46 -1.91
NP2 624 B . 4.90 11.22 -3.41
C18 624 B . -2.38 9.91 -4.34
O19 624 B . -2.08 10.66 -5.27
C20 624 B . -3.21 10.34 -3.17
N21 624 B . -3.60 11.78 -3.26
C22 624 B . -2.64 12.73 -2.91
C23 624 B . -2.86 14.13 -2.93
C24 624 B . -4.14 14.52 -3.38
N25 624 B . -5.11 13.62 -3.74
C26 624 B . -4.83 12.29 -3.69
O27 624 B . -1.49 12.37 -2.54
N28 624 B . -1.78 15.00 -2.55
C30 624 B . -1.78 16.46 -2.55
C31 624 B . -1.46 17.01 -3.96
C32 624 B . -0.74 16.93 -1.54
C33 624 B . -5.97 11.47 -4.15
C34 624 B . -5.82 10.84 -5.45
C35 624 B . -6.87 10.05 -5.98
C36 624 B . -8.09 9.84 -5.27
C37 624 B . -8.27 10.48 -3.95
C38 624 B . -7.19 11.28 -3.40
CL1 624 B . -9.26 8.88 -6.07
CL2 624 B . -9.71 10.30 -3.02
N45 624 B . -4.33 7.09 -5.34
C46 624 B . -5.41 7.09 -6.22
C47 624 B . -5.06 6.67 -7.50
S48 624 B . -3.43 6.29 -7.61
#